data_7E3Z
#
_entry.id   7E3Z
#
_cell.length_a   40.730
_cell.length_b   66.450
_cell.length_c   45.290
_cell.angle_alpha   90.000
_cell.angle_beta   98.060
_cell.angle_gamma   90.000
#
_symmetry.space_group_name_H-M   'P 1 21 1'
#
loop_
_entity.id
_entity.type
_entity.pdbx_description
1 polymer thioesterase
2 non-polymer 'CHLORIDE ION'
3 water water
#
_entity_poly.entity_id   1
_entity_poly.type   'polypeptide(L)'
_entity_poly.pdbx_seq_one_letter_code
;MATIVNTAAGAAVQRPRPRPGAERVLVCLSYCGGGTAPFRQWAEDLPEDVELALICYPGREARFGAPFARVWTELRDDVV
RSVRGLTGRPYILFGHSMGSWMAFETAAELERIGAAPPEALVVSGGVAPHKRREMPREDTPRSDADMDALVRWMRDLGQV
SPAIAAEPELLKIAVDLLRADLAVTESYRFVDGTRVSVPLRVLYGTEDAAPFADVERHWRPLTAGPFQAVELPGGHFYTP
EVWARLTEWCTLPVPGAAGTR
;
_entity_poly.pdbx_strand_id   A
#
# COMPACT_ATOMS: atom_id res chain seq x y z
N GLY A 10 1.56 19.19 -3.87
CA GLY A 10 1.86 17.78 -4.04
C GLY A 10 1.79 17.32 -5.49
N ALA A 11 2.46 16.20 -5.77
CA ALA A 11 2.38 15.62 -7.09
C ALA A 11 0.95 15.18 -7.38
N ALA A 12 0.66 15.02 -8.67
CA ALA A 12 -0.70 14.73 -9.08
C ALA A 12 -1.06 13.26 -8.80
N VAL A 13 -2.22 13.10 -8.29
CA VAL A 13 -2.85 11.83 -8.00
C VAL A 13 -3.46 11.34 -9.31
N GLN A 14 -3.38 10.05 -9.59
CA GLN A 14 -4.02 9.52 -10.80
C GLN A 14 -5.44 9.07 -10.55
N ARG A 15 -6.31 9.44 -11.45
CA ARG A 15 -7.73 9.14 -11.30
C ARG A 15 -8.19 8.62 -12.66
N PRO A 16 -8.19 7.31 -12.87
CA PRO A 16 -8.54 6.78 -14.20
C PRO A 16 -9.98 7.01 -14.59
N ARG A 17 -10.89 7.18 -13.62
CA ARG A 17 -12.30 7.46 -13.90
C ARG A 17 -12.74 8.54 -12.93
N PRO A 18 -12.46 9.81 -13.24
CA PRO A 18 -12.85 10.90 -12.33
C PRO A 18 -14.34 10.88 -12.05
N ARG A 19 -14.67 11.16 -10.79
CA ARG A 19 -16.05 11.18 -10.32
C ARG A 19 -16.31 12.44 -9.52
N PRO A 20 -16.64 13.53 -10.20
CA PRO A 20 -17.04 14.75 -9.49
C PRO A 20 -18.27 14.53 -8.62
N GLY A 21 -19.13 13.57 -8.98
CA GLY A 21 -20.28 13.25 -8.16
C GLY A 21 -19.98 12.47 -6.88
N ALA A 22 -18.76 11.96 -6.71
CA ALA A 22 -18.53 11.06 -5.60
C ALA A 22 -18.53 11.78 -4.26
N GLU A 23 -18.99 11.07 -3.25
CA GLU A 23 -19.00 11.54 -1.88
C GLU A 23 -17.68 11.28 -1.18
N ARG A 24 -16.97 10.22 -1.57
CA ARG A 24 -15.71 9.86 -0.90
C ARG A 24 -14.67 9.41 -1.92
N VAL A 25 -13.42 9.41 -1.47
CA VAL A 25 -12.27 9.07 -2.33
C VAL A 25 -11.54 7.87 -1.72
N LEU A 26 -11.25 6.87 -2.53
CA LEU A 26 -10.45 5.72 -2.10
C LEU A 26 -9.03 5.91 -2.62
N VAL A 27 -8.09 6.15 -1.70
CA VAL A 27 -6.70 6.46 -2.02
C VAL A 27 -5.89 5.18 -1.86
N CYS A 28 -5.16 4.77 -2.91
CA CYS A 28 -4.43 3.49 -2.89
C CYS A 28 -2.93 3.69 -3.03
N LEU A 29 -2.17 3.05 -2.14
CA LEU A 29 -0.69 3.10 -2.10
C LEU A 29 -0.10 1.73 -2.45
N SER A 30 0.93 1.72 -3.32
CA SER A 30 1.45 0.50 -3.90
C SER A 30 2.58 -0.10 -3.03
N TYR A 31 3.10 -1.24 -3.49
CA TYR A 31 4.10 -1.99 -2.76
C TYR A 31 5.51 -1.62 -3.25
N CYS A 32 6.55 -2.23 -2.64
CA CYS A 32 7.94 -1.99 -3.04
C CYS A 32 8.17 -2.38 -4.51
N GLY A 33 8.65 -1.42 -5.31
CA GLY A 33 8.83 -1.66 -6.72
C GLY A 33 7.57 -1.50 -7.54
N GLY A 34 6.47 -1.10 -6.91
CA GLY A 34 5.17 -1.11 -7.55
C GLY A 34 4.71 0.27 -7.99
N GLY A 35 3.89 0.31 -9.04
CA GLY A 35 3.23 1.51 -9.49
C GLY A 35 1.73 1.44 -9.26
N THR A 36 1.00 2.26 -10.01
CA THR A 36 -0.45 2.25 -9.91
C THR A 36 -1.09 1.10 -10.66
N ALA A 37 -0.35 0.46 -11.55
CA ALA A 37 -0.91 -0.55 -12.46
C ALA A 37 -1.77 -1.61 -11.80
N PRO A 38 -1.39 -2.23 -10.68
CA PRO A 38 -2.23 -3.32 -10.13
C PRO A 38 -3.58 -2.88 -9.61
N PHE A 39 -3.80 -1.58 -9.45
CA PHE A 39 -5.06 -1.05 -8.92
C PHE A 39 -5.98 -0.48 -10.00
N ARG A 40 -5.51 -0.34 -11.23
CA ARG A 40 -6.31 0.42 -12.18
C ARG A 40 -7.63 -0.28 -12.52
N GLN A 41 -7.65 -1.63 -12.54
CA GLN A 41 -8.88 -2.39 -12.79
C GLN A 41 -9.97 -2.11 -11.76
N TRP A 42 -9.60 -1.65 -10.57
CA TRP A 42 -10.57 -1.33 -9.53
C TRP A 42 -11.48 -0.18 -9.92
N ALA A 43 -11.11 0.62 -10.92
CA ALA A 43 -11.98 1.68 -11.35
C ALA A 43 -13.24 1.17 -12.02
N GLU A 44 -13.24 -0.08 -12.47
CA GLU A 44 -14.43 -0.61 -13.12
C GLU A 44 -15.51 -1.04 -12.12
N ASP A 45 -15.16 -1.24 -10.84
CA ASP A 45 -16.04 -1.94 -9.90
C ASP A 45 -16.59 -1.07 -8.79
N LEU A 46 -16.39 0.17 -8.84
CA LEU A 46 -16.57 0.96 -7.65
C LEU A 46 -17.95 1.60 -7.64
N PRO A 47 -18.60 1.63 -6.48
CA PRO A 47 -19.85 2.40 -6.35
C PRO A 47 -19.59 3.82 -6.83
N GLU A 48 -20.60 4.45 -7.44
CA GLU A 48 -20.44 5.79 -8.00
C GLU A 48 -20.16 6.83 -6.94
N ASP A 49 -20.45 6.54 -5.68
CA ASP A 49 -20.16 7.49 -4.62
C ASP A 49 -18.70 7.46 -4.20
N VAL A 50 -17.88 6.60 -4.80
CA VAL A 50 -16.44 6.50 -4.48
C VAL A 50 -15.64 6.83 -5.74
N GLU A 51 -14.68 7.75 -5.62
CA GLU A 51 -13.69 8.00 -6.67
C GLU A 51 -12.36 7.30 -6.33
N LEU A 52 -11.79 6.60 -7.32
CA LEU A 52 -10.49 5.95 -7.14
C LEU A 52 -9.34 6.94 -7.35
N ALA A 53 -8.45 7.05 -6.36
CA ALA A 53 -7.28 7.91 -6.47
C ALA A 53 -6.05 7.08 -6.23
N LEU A 54 -5.18 7.02 -7.23
CA LEU A 54 -3.98 6.17 -7.18
C LEU A 54 -2.73 7.02 -6.98
N ILE A 55 -1.99 6.76 -5.92
CA ILE A 55 -0.75 7.48 -5.67
C ILE A 55 0.37 6.81 -6.44
N CYS A 56 1.13 7.60 -7.19
CA CYS A 56 2.30 7.10 -7.91
C CYS A 56 3.54 7.56 -7.15
N TYR A 57 4.34 6.60 -6.68
CA TYR A 57 5.59 7.01 -6.01
C TYR A 57 6.55 7.58 -7.06
N PRO A 58 7.46 8.46 -6.67
CA PRO A 58 8.40 9.02 -7.67
C PRO A 58 9.23 7.95 -8.35
N GLY A 59 9.54 8.19 -9.63
CA GLY A 59 10.48 7.36 -10.36
C GLY A 59 9.89 6.27 -11.23
N ARG A 60 8.56 6.22 -11.38
CA ARG A 60 7.95 5.15 -12.15
C ARG A 60 6.71 5.72 -12.83
N GLU A 61 6.27 5.02 -13.88
CA GLU A 61 5.02 5.36 -14.58
C GLU A 61 5.05 6.82 -15.01
N ALA A 62 4.00 7.61 -14.78
CA ALA A 62 4.00 9.02 -15.15
C ALA A 62 5.13 9.80 -14.51
N ARG A 63 5.67 9.31 -13.38
CA ARG A 63 6.74 10.00 -12.66
C ARG A 63 8.10 9.35 -12.92
N PHE A 64 8.23 8.60 -14.03
CA PHE A 64 9.46 7.87 -14.38
C PHE A 64 10.66 8.81 -14.48
N GLY A 65 10.42 10.07 -14.83
CA GLY A 65 11.45 11.07 -14.94
C GLY A 65 11.70 11.85 -13.66
N ALA A 66 11.15 11.39 -12.50
CA ALA A 66 11.50 12.12 -11.30
C ALA A 66 12.52 11.33 -10.49
N PRO A 67 13.37 11.98 -9.68
CA PRO A 67 14.32 11.23 -8.85
C PRO A 67 13.58 10.37 -7.82
N PHE A 68 14.16 9.22 -7.51
CA PHE A 68 13.62 8.39 -6.43
C PHE A 68 13.74 9.10 -5.09
N ALA A 69 12.74 8.88 -4.25
CA ALA A 69 12.92 9.19 -2.84
C ALA A 69 14.02 8.32 -2.27
N ARG A 70 14.76 8.88 -1.33
CA ARG A 70 15.89 8.15 -0.75
C ARG A 70 15.66 7.68 0.68
N VAL A 71 14.75 8.29 1.44
CA VAL A 71 14.49 7.83 2.80
C VAL A 71 12.97 7.81 2.99
N TRP A 72 12.56 7.09 4.03
CA TRP A 72 11.15 6.84 4.27
C TRP A 72 10.36 8.13 4.43
N THR A 73 10.85 9.05 5.24
CA THR A 73 10.05 10.26 5.54
C THR A 73 9.94 11.14 4.29
N GLU A 74 10.90 11.08 3.40
CA GLU A 74 10.81 11.80 2.14
C GLU A 74 9.66 11.24 1.32
N LEU A 75 9.58 9.90 1.20
CA LEU A 75 8.47 9.30 0.45
C LEU A 75 7.14 9.57 1.14
N ARG A 76 7.09 9.40 2.48
CA ARG A 76 5.87 9.70 3.22
C ARG A 76 5.43 11.13 3.00
N ASP A 77 6.37 12.08 3.04
CA ASP A 77 5.89 13.47 2.90
C ASP A 77 5.43 13.77 1.47
N ASP A 78 6.01 13.13 0.46
CA ASP A 78 5.51 13.24 -0.89
C ASP A 78 4.08 12.71 -0.98
N VAL A 79 3.81 11.55 -0.38
CA VAL A 79 2.43 11.03 -0.32
C VAL A 79 1.51 12.00 0.41
N VAL A 80 1.94 12.48 1.58
CA VAL A 80 1.06 13.36 2.37
C VAL A 80 0.73 14.62 1.60
N ARG A 81 1.71 15.20 0.90
CA ARG A 81 1.41 16.44 0.19
C ARG A 81 0.40 16.21 -0.92
N SER A 82 0.41 15.03 -1.52
CA SER A 82 -0.59 14.70 -2.54
C SER A 82 -1.95 14.41 -1.93
N VAL A 83 -2.00 13.64 -0.84
CA VAL A 83 -3.28 13.23 -0.26
C VAL A 83 -3.95 14.40 0.45
N ARG A 84 -3.18 15.29 1.06
CA ARG A 84 -3.79 16.29 1.93
C ARG A 84 -4.84 17.13 1.21
N GLY A 85 -4.62 17.50 -0.04
CA GLY A 85 -5.62 18.29 -0.75
C GLY A 85 -6.92 17.53 -0.99
N LEU A 86 -6.92 16.21 -0.87
CA LEU A 86 -8.13 15.38 -1.06
C LEU A 86 -8.95 15.31 0.21
N THR A 87 -8.37 15.64 1.36
CA THR A 87 -8.98 15.33 2.65
C THR A 87 -10.15 16.24 3.01
N GLY A 88 -10.53 17.17 2.15
CA GLY A 88 -11.75 17.95 2.44
C GLY A 88 -13.03 17.17 2.24
N ARG A 89 -12.99 16.06 1.51
CA ARG A 89 -14.02 15.05 1.33
C ARG A 89 -13.64 13.82 2.11
N PRO A 90 -14.61 13.04 2.58
CA PRO A 90 -14.32 11.76 3.22
C PRO A 90 -13.42 10.93 2.31
N TYR A 91 -12.45 10.26 2.91
CA TYR A 91 -11.53 9.46 2.12
C TYR A 91 -11.15 8.24 2.92
N ILE A 92 -10.73 7.20 2.18
CA ILE A 92 -10.29 5.93 2.74
C ILE A 92 -8.85 5.76 2.27
N LEU A 93 -7.97 5.37 3.16
CA LEU A 93 -6.57 5.09 2.80
C LEU A 93 -6.37 3.59 2.73
N PHE A 94 -5.89 3.10 1.58
CA PHE A 94 -5.60 1.69 1.38
C PHE A 94 -4.12 1.57 1.01
N GLY A 95 -3.45 0.54 1.52
CA GLY A 95 -2.12 0.25 1.01
C GLY A 95 -1.82 -1.23 1.06
N HIS A 96 -0.97 -1.69 0.12
CA HIS A 96 -0.61 -3.11 0.03
C HIS A 96 0.89 -3.31 0.29
N SER A 97 1.21 -4.25 1.19
CA SER A 97 2.60 -4.66 1.53
C SER A 97 3.34 -3.45 2.09
N MET A 98 4.46 -2.97 1.50
CA MET A 98 5.03 -1.76 2.05
C MET A 98 4.03 -0.63 2.01
N GLY A 99 3.13 -0.62 1.05
CA GLY A 99 2.12 0.43 1.02
C GLY A 99 1.17 0.38 2.20
N SER A 100 1.06 -0.78 2.88
CA SER A 100 0.25 -0.79 4.10
C SER A 100 0.95 -0.01 5.20
N TRP A 101 2.27 -0.14 5.32
CA TRP A 101 2.98 0.65 6.30
C TRP A 101 2.94 2.12 5.92
N MET A 102 3.06 2.41 4.64
CA MET A 102 2.96 3.78 4.17
C MET A 102 1.58 4.36 4.41
N ALA A 103 0.52 3.58 4.23
CA ALA A 103 -0.82 4.10 4.51
C ALA A 103 -0.99 4.39 6.00
N PHE A 104 -0.52 3.50 6.86
CA PHE A 104 -0.58 3.73 8.29
C PHE A 104 0.19 5.00 8.69
N GLU A 105 1.42 5.17 8.19
CA GLU A 105 2.21 6.35 8.53
C GLU A 105 1.63 7.59 7.91
N THR A 106 1.03 7.49 6.73
CA THR A 106 0.35 8.64 6.13
C THR A 106 -0.85 9.06 6.97
N ALA A 107 -1.65 8.11 7.45
CA ALA A 107 -2.74 8.43 8.34
C ALA A 107 -2.23 9.10 9.60
N ALA A 108 -1.17 8.56 10.19
CA ALA A 108 -0.67 9.13 11.44
C ALA A 108 -0.16 10.54 11.23
N GLU A 109 0.48 10.80 10.09
CA GLU A 109 1.02 12.13 9.82
C GLU A 109 -0.09 13.11 9.50
N LEU A 110 -1.07 12.72 8.68
CA LEU A 110 -2.24 13.58 8.49
C LEU A 110 -2.90 13.95 9.82
N GLU A 111 -3.01 13.01 10.74
CA GLU A 111 -3.57 13.32 12.06
C GLU A 111 -2.69 14.34 12.76
N ARG A 112 -1.38 14.11 12.75
CA ARG A 112 -0.44 14.98 13.47
C ARG A 112 -0.52 16.42 12.96
N ILE A 113 -0.71 16.61 11.65
CA ILE A 113 -0.66 17.96 11.09
C ILE A 113 -2.00 18.67 11.18
N GLY A 114 -3.04 17.99 11.63
CA GLY A 114 -4.36 18.60 11.80
C GLY A 114 -5.31 18.43 10.65
N ALA A 115 -4.96 17.61 9.65
CA ALA A 115 -5.91 17.33 8.59
C ALA A 115 -7.02 16.42 9.09
N ALA A 116 -8.16 16.43 8.38
CA ALA A 116 -9.23 15.51 8.73
C ALA A 116 -8.75 14.06 8.55
N PRO A 117 -9.16 13.15 9.43
CA PRO A 117 -8.70 11.74 9.38
C PRO A 117 -9.44 10.99 8.28
N PRO A 118 -8.88 9.88 7.81
CA PRO A 118 -9.65 9.01 6.92
C PRO A 118 -10.86 8.40 7.61
N GLU A 119 -11.87 8.11 6.80
CA GLU A 119 -13.02 7.34 7.30
C GLU A 119 -12.62 5.92 7.72
N ALA A 120 -11.59 5.34 7.07
CA ALA A 120 -11.07 4.04 7.41
C ALA A 120 -9.67 3.96 6.81
N LEU A 121 -8.85 3.15 7.48
CA LEU A 121 -7.54 2.74 6.99
C LEU A 121 -7.63 1.26 6.73
N VAL A 122 -7.26 0.85 5.51
CA VAL A 122 -7.28 -0.56 5.11
C VAL A 122 -5.88 -0.96 4.74
N VAL A 123 -5.31 -1.89 5.50
CA VAL A 123 -3.95 -2.37 5.31
C VAL A 123 -4.01 -3.80 4.80
N SER A 124 -3.25 -4.08 3.75
CA SER A 124 -3.36 -5.34 3.02
C SER A 124 -1.96 -5.90 2.77
N GLY A 125 -1.83 -7.20 2.98
CA GLY A 125 -0.60 -7.89 2.54
C GLY A 125 0.64 -7.53 3.33
N GLY A 126 0.50 -6.98 4.52
CA GLY A 126 1.64 -6.55 5.32
C GLY A 126 1.55 -7.00 6.76
N VAL A 127 2.68 -7.46 7.29
CA VAL A 127 2.78 -7.65 8.74
C VAL A 127 2.69 -6.30 9.45
N ALA A 128 2.47 -6.29 10.75
CA ALA A 128 2.38 -5.01 11.44
C ALA A 128 3.76 -4.36 11.44
N PRO A 129 3.83 -3.04 11.28
CA PRO A 129 5.11 -2.39 11.02
C PRO A 129 6.13 -2.51 12.12
N HIS A 130 5.70 -2.68 13.37
CA HIS A 130 6.69 -2.84 14.45
C HIS A 130 7.13 -4.29 14.63
N LYS A 131 6.66 -5.18 13.77
CA LYS A 131 7.01 -6.59 13.77
C LYS A 131 7.75 -6.97 12.50
N ARG A 132 8.29 -5.97 11.79
CA ARG A 132 9.27 -6.13 10.72
C ARG A 132 10.26 -7.26 11.00
N MET A 135 9.83 -11.35 10.39
CA MET A 135 10.11 -11.67 9.00
C MET A 135 11.59 -12.06 8.83
N PRO A 136 11.83 -13.28 8.35
CA PRO A 136 13.20 -13.71 8.08
C PRO A 136 13.92 -12.78 7.11
N ARG A 137 15.16 -12.41 7.47
CA ARG A 137 15.93 -11.44 6.67
C ARG A 137 16.17 -11.94 5.25
N GLU A 138 16.39 -13.26 5.10
CA GLU A 138 16.61 -13.87 3.80
C GLU A 138 15.37 -13.85 2.91
N ASP A 139 14.18 -13.66 3.49
CA ASP A 139 12.95 -13.68 2.69
C ASP A 139 12.60 -12.33 2.08
N THR A 140 13.29 -11.25 2.45
CA THR A 140 13.17 -9.98 1.73
C THR A 140 14.59 -9.55 1.44
N PRO A 141 14.98 -9.48 0.18
CA PRO A 141 16.39 -9.23 -0.10
C PRO A 141 16.76 -7.77 0.15
N ARG A 142 18.02 -7.56 0.50
CA ARG A 142 18.52 -6.21 0.68
C ARG A 142 18.61 -5.42 -0.62
N SER A 143 18.49 -4.09 -0.50
CA SER A 143 18.51 -3.22 -1.66
C SER A 143 19.78 -3.35 -2.48
N ASP A 144 20.88 -3.81 -1.88
CA ASP A 144 22.12 -4.01 -2.61
C ASP A 144 22.48 -5.48 -2.80
N ALA A 145 21.50 -6.39 -2.66
CA ALA A 145 21.72 -7.81 -2.88
C ALA A 145 21.93 -8.08 -4.36
N ASP A 146 22.37 -9.32 -4.67
CA ASP A 146 22.56 -9.65 -6.07
C ASP A 146 21.23 -9.55 -6.84
N MET A 147 21.32 -9.13 -8.10
CA MET A 147 20.15 -8.95 -8.94
C MET A 147 19.28 -10.21 -8.98
N ASP A 148 19.92 -11.38 -9.09
CA ASP A 148 19.16 -12.61 -9.19
C ASP A 148 18.26 -12.81 -7.97
N ALA A 149 18.75 -12.41 -6.80
CA ALA A 149 17.95 -12.50 -5.58
C ALA A 149 16.74 -11.59 -5.66
N LEU A 150 16.89 -10.40 -6.24
CA LEU A 150 15.75 -9.49 -6.36
C LEU A 150 14.71 -10.06 -7.32
N VAL A 151 15.17 -10.62 -8.46
CA VAL A 151 14.23 -11.13 -9.45
C VAL A 151 13.49 -12.33 -8.91
N ARG A 152 14.20 -13.22 -8.20
CA ARG A 152 13.56 -14.36 -7.58
C ARG A 152 12.45 -13.93 -6.65
N TRP A 153 12.74 -12.94 -5.80
CA TRP A 153 11.75 -12.44 -4.86
C TRP A 153 10.54 -11.87 -5.59
N MET A 154 10.77 -11.03 -6.60
CA MET A 154 9.64 -10.51 -7.36
C MET A 154 8.82 -11.63 -7.98
N ARG A 155 9.49 -12.58 -8.62
CA ARG A 155 8.80 -13.70 -9.26
C ARG A 155 7.95 -14.45 -8.25
N ASP A 156 8.53 -14.79 -7.10
CA ASP A 156 7.85 -15.66 -6.14
C ASP A 156 6.66 -14.97 -5.46
N LEU A 157 6.69 -13.64 -5.35
CA LEU A 157 5.57 -12.86 -4.83
C LEU A 157 4.54 -12.51 -5.88
N GLY A 158 4.83 -12.74 -7.15
CA GLY A 158 3.92 -12.41 -8.21
C GLY A 158 3.99 -10.98 -8.69
N GLN A 159 5.09 -10.28 -8.44
CA GLN A 159 5.27 -8.88 -8.79
C GLN A 159 5.94 -8.66 -10.13
N VAL A 160 6.52 -9.69 -10.75
CA VAL A 160 6.89 -9.60 -12.15
C VAL A 160 6.25 -10.77 -12.86
N SER A 161 5.77 -10.53 -14.08
CA SER A 161 5.21 -11.56 -14.91
C SER A 161 6.31 -12.46 -15.46
N PRO A 162 5.95 -13.68 -15.85
CA PRO A 162 6.88 -14.49 -16.65
C PRO A 162 7.40 -13.78 -17.88
N ALA A 163 6.53 -13.02 -18.58
CA ALA A 163 6.94 -12.31 -19.78
C ALA A 163 8.01 -11.28 -19.50
N ILE A 164 7.95 -10.58 -18.36
CA ILE A 164 8.97 -9.59 -18.04
C ILE A 164 10.29 -10.26 -17.62
N ALA A 165 10.20 -11.31 -16.80
CA ALA A 165 11.40 -12.01 -16.35
C ALA A 165 12.08 -12.74 -17.51
N ALA A 166 11.36 -13.00 -18.58
CA ALA A 166 11.94 -13.63 -19.76
C ALA A 166 12.86 -12.69 -20.53
N GLU A 167 12.80 -11.39 -20.27
CA GLU A 167 13.51 -10.37 -21.06
C GLU A 167 14.42 -9.55 -20.17
N PRO A 168 15.73 -9.78 -20.19
CA PRO A 168 16.62 -9.00 -19.30
C PRO A 168 16.44 -7.50 -19.42
N GLU A 169 16.24 -6.98 -20.63
CA GLU A 169 16.22 -5.53 -20.79
C GLU A 169 15.07 -4.89 -19.99
N LEU A 170 13.92 -5.57 -19.94
CA LEU A 170 12.81 -5.06 -19.15
C LEU A 170 13.02 -5.31 -17.67
N LEU A 171 13.62 -6.44 -17.32
CA LEU A 171 13.80 -6.79 -15.92
C LEU A 171 14.75 -5.83 -15.21
N LYS A 172 15.88 -5.52 -15.84
CA LYS A 172 16.84 -4.59 -15.26
C LYS A 172 16.15 -3.33 -14.75
N ILE A 173 15.17 -2.84 -15.51
CA ILE A 173 14.38 -1.68 -15.09
C ILE A 173 13.62 -1.96 -13.81
N ALA A 174 12.76 -2.99 -13.84
CA ALA A 174 11.95 -3.34 -12.67
C ALA A 174 12.81 -3.50 -11.43
N VAL A 175 14.02 -4.02 -11.62
CA VAL A 175 14.94 -4.25 -10.50
C VAL A 175 15.47 -2.93 -9.96
N ASP A 176 15.86 -2.01 -10.84
CA ASP A 176 16.33 -0.72 -10.36
C ASP A 176 15.26 -0.04 -9.51
N LEU A 177 13.99 -0.17 -9.92
CA LEU A 177 12.88 0.42 -9.18
C LEU A 177 12.71 -0.23 -7.81
N LEU A 178 12.77 -1.56 -7.78
CA LEU A 178 12.72 -2.27 -6.52
C LEU A 178 13.89 -1.86 -5.61
N ARG A 179 15.11 -1.78 -6.14
CA ARG A 179 16.23 -1.40 -5.29
C ARG A 179 16.00 -0.05 -4.64
N ALA A 180 15.46 0.90 -5.41
CA ALA A 180 15.12 2.21 -4.87
C ALA A 180 14.12 2.09 -3.71
N ASP A 181 13.03 1.33 -3.91
CA ASP A 181 12.02 1.26 -2.86
C ASP A 181 12.50 0.44 -1.66
N LEU A 182 13.30 -0.61 -1.89
CA LEU A 182 13.85 -1.36 -0.77
C LEU A 182 14.75 -0.49 0.09
N ALA A 183 15.52 0.41 -0.53
CA ALA A 183 16.37 1.31 0.25
C ALA A 183 15.54 2.25 1.10
N VAL A 184 14.43 2.75 0.55
CA VAL A 184 13.53 3.59 1.33
C VAL A 184 12.96 2.80 2.50
N THR A 185 12.52 1.57 2.23
CA THR A 185 11.89 0.77 3.28
C THR A 185 12.90 0.38 4.37
N GLU A 186 14.15 0.11 3.98
CA GLU A 186 15.17 -0.22 4.97
C GLU A 186 15.44 0.94 5.91
N SER A 187 15.16 2.18 5.50
CA SER A 187 15.39 3.32 6.36
C SER A 187 14.24 3.61 7.32
N TYR A 188 13.10 2.94 7.14
CA TYR A 188 11.98 3.17 8.03
C TYR A 188 12.23 2.52 9.38
N ARG A 189 11.93 3.25 10.43
CA ARG A 189 11.83 2.61 11.74
C ARG A 189 10.52 3.04 12.38
N PHE A 190 9.69 2.05 12.72
CA PHE A 190 8.48 2.31 13.48
C PHE A 190 8.84 2.90 14.83
N VAL A 191 8.12 3.94 15.23
CA VAL A 191 8.28 4.63 16.50
C VAL A 191 7.25 4.07 17.48
N ASP A 192 7.72 3.42 18.53
CA ASP A 192 6.84 2.82 19.50
C ASP A 192 5.85 3.86 20.01
N GLY A 193 4.60 3.43 20.14
CA GLY A 193 3.53 4.31 20.58
C GLY A 193 2.77 4.99 19.46
N THR A 194 3.26 4.93 18.22
CA THR A 194 2.51 5.50 17.11
C THR A 194 1.21 4.72 16.95
N ARG A 195 0.10 5.45 16.83
CA ARG A 195 -1.20 4.83 16.81
C ARG A 195 -2.11 5.77 16.05
N VAL A 196 -3.08 5.22 15.34
CA VAL A 196 -4.11 6.04 14.75
C VAL A 196 -5.37 5.89 15.58
N SER A 197 -6.35 6.73 15.30
CA SER A 197 -7.64 6.64 15.99
C SER A 197 -8.76 6.22 15.06
N VAL A 198 -8.49 5.99 13.78
CA VAL A 198 -9.52 5.68 12.79
C VAL A 198 -9.85 4.19 12.71
N PRO A 199 -11.01 3.84 12.15
CA PRO A 199 -11.30 2.42 11.91
C PRO A 199 -10.22 1.78 11.04
N LEU A 200 -9.85 0.58 11.42
CA LEU A 200 -8.74 -0.12 10.76
C LEU A 200 -9.20 -1.51 10.34
N ARG A 201 -9.12 -1.81 9.04
CA ARG A 201 -9.36 -3.16 8.52
C ARG A 201 -8.04 -3.73 8.03
N VAL A 202 -7.71 -4.95 8.49
CA VAL A 202 -6.52 -5.69 8.07
C VAL A 202 -6.94 -6.79 7.14
N LEU A 203 -6.32 -6.85 5.94
CA LEU A 203 -6.49 -7.94 4.98
C LEU A 203 -5.16 -8.68 4.89
N TYR A 204 -5.20 -10.00 4.91
CA TYR A 204 -3.94 -10.75 4.76
C TYR A 204 -4.31 -12.15 4.32
N GLY A 205 -3.44 -12.78 3.53
CA GLY A 205 -3.78 -14.02 2.85
C GLY A 205 -3.24 -15.25 3.56
N THR A 206 -4.04 -16.30 3.52
CA THR A 206 -3.74 -17.55 4.23
C THR A 206 -2.39 -18.15 3.83
N GLU A 207 -1.96 -17.95 2.59
CA GLU A 207 -0.77 -18.60 2.06
C GLU A 207 0.38 -17.64 1.90
N ASP A 208 0.31 -16.45 2.50
CA ASP A 208 1.41 -15.49 2.50
C ASP A 208 2.46 -15.88 3.54
N ALA A 209 3.48 -15.05 3.72
CA ALA A 209 4.66 -15.46 4.47
C ALA A 209 4.41 -15.61 5.97
N ALA A 210 3.59 -14.71 6.58
CA ALA A 210 3.35 -14.73 8.00
C ALA A 210 2.05 -15.46 8.29
N PRO A 211 1.91 -16.07 9.46
CA PRO A 211 0.60 -16.62 9.83
C PRO A 211 -0.40 -15.48 10.04
N PHE A 212 -1.63 -15.69 9.51
CA PHE A 212 -2.63 -14.65 9.65
C PHE A 212 -2.82 -14.25 11.11
N ALA A 213 -2.81 -15.24 12.03
CA ALA A 213 -3.08 -14.94 13.43
C ALA A 213 -2.10 -13.90 13.98
N ASP A 214 -0.84 -13.94 13.51
CA ASP A 214 0.14 -12.95 14.00
C ASP A 214 -0.07 -11.58 13.38
N VAL A 215 -0.51 -11.54 12.11
CA VAL A 215 -0.79 -10.28 11.45
C VAL A 215 -1.95 -9.59 12.14
N GLU A 216 -3.01 -10.34 12.42
CA GLU A 216 -4.16 -9.78 13.11
C GLU A 216 -3.79 -9.27 14.50
N ARG A 217 -3.04 -10.07 15.25
CA ARG A 217 -2.73 -9.73 16.64
C ARG A 217 -1.88 -8.46 16.73
N HIS A 218 -0.93 -8.29 15.83
CA HIS A 218 -0.01 -7.19 16.02
C HIS A 218 -0.48 -5.88 15.40
N TRP A 219 -1.40 -5.91 14.44
CA TRP A 219 -1.98 -4.66 13.96
C TRP A 219 -2.98 -4.10 14.96
N ARG A 220 -3.63 -4.96 15.76
CA ARG A 220 -4.72 -4.49 16.62
C ARG A 220 -4.34 -3.32 17.53
N PRO A 221 -3.18 -3.29 18.20
CA PRO A 221 -2.86 -2.15 19.08
C PRO A 221 -2.55 -0.86 18.35
N LEU A 222 -2.43 -0.88 17.02
CA LEU A 222 -2.04 0.31 16.27
C LEU A 222 -3.21 1.23 15.98
N THR A 223 -4.44 0.87 16.36
CA THR A 223 -5.53 1.85 16.34
C THR A 223 -6.25 1.87 17.68
N ALA A 224 -6.74 3.06 18.01
CA ALA A 224 -7.62 3.19 19.15
C ALA A 224 -9.07 3.10 18.72
N GLY A 225 -9.34 2.98 17.43
CA GLY A 225 -10.68 2.93 16.91
C GLY A 225 -11.14 1.50 16.68
N PRO A 226 -12.25 1.35 15.95
CA PRO A 226 -12.77 0.02 15.60
C PRO A 226 -11.76 -0.73 14.77
N PHE A 227 -11.79 -2.05 14.89
CA PHE A 227 -10.80 -2.91 14.24
C PHE A 227 -11.48 -4.14 13.69
N GLN A 228 -11.07 -4.56 12.48
CA GLN A 228 -11.53 -5.82 11.92
C GLN A 228 -10.39 -6.41 11.09
N ALA A 229 -10.19 -7.72 11.20
CA ALA A 229 -9.20 -8.41 10.37
C ALA A 229 -9.89 -9.51 9.58
N VAL A 230 -9.53 -9.65 8.29
CA VAL A 230 -10.18 -10.56 7.37
C VAL A 230 -9.10 -11.41 6.71
N GLU A 231 -9.17 -12.73 6.94
CA GLU A 231 -8.22 -13.67 6.33
C GLU A 231 -8.76 -14.04 4.96
N LEU A 232 -8.01 -13.69 3.93
CA LEU A 232 -8.47 -13.91 2.57
C LEU A 232 -7.73 -15.09 1.95
N PRO A 233 -8.30 -15.71 0.93
CA PRO A 233 -7.61 -16.85 0.28
C PRO A 233 -6.37 -16.41 -0.48
N GLY A 234 -5.46 -17.36 -0.66
CA GLY A 234 -4.28 -17.10 -1.50
C GLY A 234 -3.13 -16.46 -0.77
N GLY A 235 -2.21 -15.97 -1.57
CA GLY A 235 -0.95 -15.48 -1.05
C GLY A 235 -0.84 -13.96 -1.01
N HIS A 236 0.33 -13.45 -1.41
CA HIS A 236 0.62 -12.03 -1.24
C HIS A 236 -0.30 -11.15 -2.06
N PHE A 237 -0.87 -11.65 -3.14
CA PHE A 237 -1.91 -10.96 -3.90
C PHE A 237 -3.22 -11.74 -3.92
N TYR A 238 -3.44 -12.53 -2.87
CA TYR A 238 -4.68 -13.28 -2.72
C TYR A 238 -4.85 -14.21 -3.92
N THR A 239 -6.02 -14.28 -4.51
CA THR A 239 -6.29 -15.02 -5.73
C THR A 239 -6.76 -14.01 -6.75
N PRO A 240 -6.68 -14.32 -8.03
CA PRO A 240 -7.10 -13.32 -9.03
C PRO A 240 -8.50 -12.78 -8.83
N GLU A 241 -9.46 -13.64 -8.47
CA GLU A 241 -10.84 -13.20 -8.27
C GLU A 241 -10.96 -12.30 -7.04
N VAL A 242 -10.22 -12.60 -5.98
CA VAL A 242 -10.29 -11.77 -4.78
C VAL A 242 -9.63 -10.43 -5.02
N TRP A 243 -8.45 -10.43 -5.66
CA TRP A 243 -7.78 -9.19 -5.99
C TRP A 243 -8.67 -8.30 -6.85
N ALA A 244 -9.31 -8.88 -7.86
CA ALA A 244 -10.15 -8.07 -8.74
C ALA A 244 -11.26 -7.38 -7.96
N ARG A 245 -11.73 -7.99 -6.87
CA ARG A 245 -12.88 -7.50 -6.13
C ARG A 245 -12.49 -6.82 -4.82
N LEU A 246 -11.22 -6.46 -4.66
CA LEU A 246 -10.75 -6.05 -3.34
C LEU A 246 -11.35 -4.73 -2.86
N THR A 247 -11.83 -3.87 -3.74
CA THR A 247 -12.44 -2.63 -3.20
C THR A 247 -13.68 -2.88 -2.38
N GLU A 248 -14.30 -4.03 -2.52
CA GLU A 248 -15.44 -4.32 -1.64
C GLU A 248 -15.01 -4.36 -0.19
N TRP A 249 -13.75 -4.71 0.09
CA TRP A 249 -13.23 -4.63 1.45
C TRP A 249 -12.76 -3.25 1.85
N CYS A 250 -12.65 -2.34 0.90
CA CYS A 250 -12.26 -0.98 1.21
C CYS A 250 -13.46 -0.12 1.49
N THR A 251 -14.58 -0.38 0.84
CA THR A 251 -15.74 0.46 1.00
C THR A 251 -16.68 -0.05 2.08
N LEU A 252 -16.51 -1.30 2.56
CA LEU A 252 -17.41 -1.85 3.58
C LEU A 252 -17.16 -1.17 4.92
N PRO A 253 -18.18 -0.70 5.62
CA PRO A 253 -17.93 -0.03 6.91
C PRO A 253 -17.23 -0.98 7.87
N VAL A 254 -16.39 -0.43 8.74
CA VAL A 254 -15.79 -1.25 9.79
C VAL A 254 -16.80 -1.29 10.92
N PRO A 255 -17.27 -2.45 11.39
CA PRO A 255 -18.24 -2.46 12.49
C PRO A 255 -17.74 -1.66 13.68
N GLY A 256 -18.59 -0.73 14.15
CA GLY A 256 -18.25 0.19 15.22
C GLY A 256 -17.95 1.59 14.74
N ALA A 257 -17.71 1.78 13.44
CA ALA A 257 -17.40 3.10 12.92
C ALA A 257 -18.68 3.94 12.79
N ALA A 258 -18.51 5.23 12.56
CA ALA A 258 -19.64 6.13 12.40
C ALA A 258 -20.11 6.17 10.94
#